data_3CLP
#
_entry.id   3CLP
#
_cell.length_a   34.535
_cell.length_b   82.011
_cell.length_c   50.119
_cell.angle_alpha   90.00
_cell.angle_beta   103.64
_cell.angle_gamma   90.00
#
_symmetry.space_group_name_H-M   'P 1 21 1'
#
loop_
_entity.id
_entity.type
_entity.pdbx_description
1 polymer 'Mll3241 protein'
2 non-polymer "ADENOSINE-3',5'-CYCLIC-MONOPHOSPHATE"
3 water water
#
_entity_poly.entity_id   1
_entity_poly.type   'polypeptide(L)'
_entity_poly.pdbx_seq_one_letter_code
;QEVRRGDFVRNWQLVAAVPLFQKLGPAVLVEIVRALRARTVPAGAVICRIGEPGDRMFFVVEGSVSVATPNPVELGPGAF
FGEMALISGEPESATVSAATTVSLLSLHSADFQMLCSSSPEIAEIFRKTALERRGAAASA
;
_entity_poly.pdbx_strand_id   A,C
#
loop_
_chem_comp.id
_chem_comp.type
_chem_comp.name
_chem_comp.formula
CMP non-polymer ADENOSINE-3',5'-CYCLIC-MONOPHOSPHATE 'C10 H12 N5 O6 P'
#
# COMPACT_ATOMS: atom_id res chain seq x y z
N VAL A 3 6.02 -13.65 -1.78
CA VAL A 3 6.11 -12.54 -0.78
C VAL A 3 5.07 -12.69 0.33
N ARG A 4 5.50 -12.51 1.58
CA ARG A 4 4.61 -12.56 2.73
C ARG A 4 3.80 -11.28 2.81
N ARG A 5 2.57 -11.39 3.29
CA ARG A 5 1.64 -10.26 3.39
C ARG A 5 2.17 -9.15 4.28
N GLY A 6 2.85 -9.53 5.35
CA GLY A 6 3.46 -8.57 6.29
C GLY A 6 4.46 -7.65 5.64
N ASP A 7 5.44 -8.22 4.93
CA ASP A 7 6.44 -7.43 4.22
C ASP A 7 5.82 -6.59 3.11
N PHE A 8 4.88 -7.18 2.38
CA PHE A 8 4.19 -6.53 1.26
C PHE A 8 3.49 -5.23 1.69
N VAL A 9 2.62 -5.32 2.69
CA VAL A 9 1.89 -4.15 3.19
C VAL A 9 2.84 -3.11 3.79
N ARG A 10 3.89 -3.59 4.45
CA ARG A 10 4.91 -2.73 5.03
C ARG A 10 5.61 -1.95 3.94
N ASN A 11 5.90 -2.62 2.82
CA ASN A 11 6.58 -1.97 1.69
C ASN A 11 5.80 -0.79 1.12
N TRP A 12 4.47 -0.89 1.08
CA TRP A 12 3.63 0.21 0.56
C TRP A 12 3.86 1.52 1.31
N GLN A 13 4.01 1.42 2.62
CA GLN A 13 4.29 2.57 3.46
C GLN A 13 5.68 3.14 3.19
N LEU A 14 6.66 2.25 3.00
CA LEU A 14 8.05 2.63 2.77
C LEU A 14 8.28 3.24 1.40
N VAL A 15 7.60 2.69 0.40
CA VAL A 15 7.70 3.16 -0.99
C VAL A 15 7.29 4.63 -1.16
N ALA A 16 6.43 5.13 -0.27
CA ALA A 16 5.99 6.53 -0.34
C ALA A 16 7.14 7.52 -0.16
N ALA A 17 8.22 7.07 0.47
CA ALA A 17 9.38 7.93 0.74
C ALA A 17 10.30 8.11 -0.46
N VAL A 18 10.02 7.43 -1.56
CA VAL A 18 10.86 7.52 -2.76
C VAL A 18 10.08 8.10 -3.96
N PRO A 19 10.20 9.42 -4.17
CA PRO A 19 9.49 10.18 -5.22
C PRO A 19 9.58 9.54 -6.60
N LEU A 20 10.73 8.95 -6.92
CA LEU A 20 10.96 8.26 -8.19
C LEU A 20 9.80 7.36 -8.60
N PHE A 21 9.22 6.65 -7.63
CA PHE A 21 8.15 5.69 -7.88
C PHE A 21 6.77 6.31 -8.13
N GLN A 22 6.66 7.62 -7.95
CA GLN A 22 5.43 8.35 -8.33
C GLN A 22 5.19 8.27 -9.83
N LYS A 23 6.24 7.90 -10.56
CA LYS A 23 6.21 7.77 -12.02
C LYS A 23 5.65 6.42 -12.49
N LEU A 24 5.28 5.55 -11.55
CA LEU A 24 4.76 4.23 -11.90
C LEU A 24 3.24 4.13 -11.73
N GLY A 25 2.59 3.50 -12.71
CA GLY A 25 1.16 3.21 -12.61
C GLY A 25 0.92 2.06 -11.66
N PRO A 26 -0.35 1.84 -11.25
CA PRO A 26 -0.72 0.79 -10.30
C PRO A 26 -0.14 -0.59 -10.60
N ALA A 27 -0.25 -1.04 -11.85
CA ALA A 27 0.23 -2.38 -12.24
C ALA A 27 1.73 -2.57 -12.02
N VAL A 28 2.52 -1.64 -12.53
CA VAL A 28 3.99 -1.67 -12.38
C VAL A 28 4.38 -1.47 -10.92
N LEU A 29 3.70 -0.56 -10.22
CA LEU A 29 3.92 -0.34 -8.79
C LEU A 29 3.86 -1.64 -7.98
N VAL A 30 2.82 -2.43 -8.24
CA VAL A 30 2.64 -3.71 -7.55
C VAL A 30 3.85 -4.64 -7.77
N GLU A 31 4.27 -4.77 -9.03
CA GLU A 31 5.45 -5.58 -9.35
C GLU A 31 6.68 -5.15 -8.56
N ILE A 32 6.96 -3.85 -8.54
CA ILE A 32 8.11 -3.31 -7.79
C ILE A 32 7.96 -3.55 -6.29
N VAL A 33 6.78 -3.23 -5.74
CA VAL A 33 6.52 -3.44 -4.30
C VAL A 33 6.70 -4.90 -3.89
N ARG A 34 6.30 -5.82 -4.77
CA ARG A 34 6.50 -7.26 -4.54
C ARG A 34 7.98 -7.67 -4.53
N ALA A 35 8.81 -6.93 -5.28
CA ALA A 35 10.23 -7.26 -5.44
C ALA A 35 11.17 -6.59 -4.43
N LEU A 36 10.68 -5.55 -3.76
CA LEU A 36 11.49 -4.79 -2.82
C LEU A 36 11.61 -5.48 -1.47
N ARG A 37 12.76 -5.32 -0.83
CA ARG A 37 13.01 -5.87 0.49
C ARG A 37 13.49 -4.76 1.43
N ALA A 38 12.79 -4.61 2.55
CA ALA A 38 13.13 -3.60 3.56
C ALA A 38 14.30 -4.05 4.42
N ARG A 39 15.15 -3.08 4.76
CA ARG A 39 16.35 -3.35 5.55
C ARG A 39 16.74 -2.12 6.36
N THR A 40 17.06 -2.34 7.63
CA THR A 40 17.61 -1.29 8.49
C THR A 40 19.09 -1.57 8.74
N VAL A 41 19.92 -0.55 8.55
CA VAL A 41 21.37 -0.64 8.74
C VAL A 41 21.81 0.35 9.84
N PRO A 42 22.53 -0.15 10.86
CA PRO A 42 22.95 0.73 11.94
C PRO A 42 24.02 1.74 11.50
N ALA A 43 24.06 2.89 12.15
CA ALA A 43 25.00 3.97 11.83
C ALA A 43 26.45 3.48 11.70
N GLY A 44 27.08 3.78 10.57
CA GLY A 44 28.47 3.41 10.31
C GLY A 44 28.67 2.11 9.54
N ALA A 45 27.63 1.28 9.48
CA ALA A 45 27.76 -0.06 8.88
C ALA A 45 27.80 -0.08 7.36
N VAL A 46 28.59 -1.01 6.82
CA VAL A 46 28.75 -1.20 5.37
C VAL A 46 27.47 -1.74 4.75
N ILE A 47 27.08 -1.14 3.62
CA ILE A 47 25.92 -1.57 2.86
C ILE A 47 26.40 -2.28 1.60
N CYS A 48 27.29 -1.61 0.87
CA CYS A 48 27.99 -2.24 -0.25
C CYS A 48 29.45 -1.82 -0.29
N ARG A 49 30.29 -2.67 -0.85
CA ARG A 49 31.74 -2.51 -0.78
C ARG A 49 32.33 -2.29 -2.17
N ILE A 50 33.25 -1.34 -2.27
CA ILE A 50 33.96 -1.07 -3.52
C ILE A 50 34.60 -2.35 -4.07
N GLY A 51 34.60 -2.48 -5.40
CA GLY A 51 35.24 -3.62 -6.07
C GLY A 51 34.36 -4.86 -6.19
N GLU A 52 33.32 -4.95 -5.37
CA GLU A 52 32.42 -6.09 -5.35
C GLU A 52 31.44 -6.06 -6.53
N PRO A 53 30.99 -7.24 -6.98
CA PRO A 53 29.96 -7.29 -8.02
C PRO A 53 28.61 -6.81 -7.50
N GLY A 54 27.95 -5.96 -8.28
CA GLY A 54 26.65 -5.43 -7.89
C GLY A 54 25.51 -6.32 -8.33
N ASP A 55 24.85 -6.95 -7.37
CA ASP A 55 23.69 -7.81 -7.67
C ASP A 55 22.37 -7.14 -7.29
N ARG A 56 22.45 -5.94 -6.70
CA ARG A 56 21.27 -5.20 -6.27
C ARG A 56 21.55 -3.71 -6.07
N MET A 57 20.49 -2.89 -6.10
CA MET A 57 20.58 -1.48 -5.75
C MET A 57 19.65 -1.13 -4.59
N PHE A 58 19.82 0.07 -4.03
CA PHE A 58 19.09 0.47 -2.83
C PHE A 58 18.44 1.84 -2.98
N PHE A 59 17.34 2.03 -2.25
CA PHE A 59 16.65 3.31 -2.17
C PHE A 59 16.60 3.68 -0.69
N VAL A 60 16.85 4.96 -0.42
CA VAL A 60 16.86 5.45 0.96
C VAL A 60 15.44 5.87 1.33
N VAL A 61 14.94 5.32 2.44
CA VAL A 61 13.60 5.66 2.94
C VAL A 61 13.70 6.72 4.03
N GLU A 62 14.58 6.47 5.00
CA GLU A 62 14.74 7.33 6.16
C GLU A 62 16.17 7.22 6.62
N GLY A 63 16.71 8.31 7.18
CA GLY A 63 18.13 8.37 7.51
C GLY A 63 18.92 8.72 6.27
N SER A 64 20.21 8.44 6.30
CA SER A 64 21.08 8.76 5.17
C SER A 64 22.28 7.81 5.08
N VAL A 65 22.89 7.78 3.90
CA VAL A 65 24.09 6.96 3.69
C VAL A 65 25.27 7.83 3.27
N SER A 66 26.47 7.28 3.42
CA SER A 66 27.69 7.96 3.02
C SER A 66 28.41 7.17 1.93
N VAL A 67 28.57 7.81 0.77
CA VAL A 67 29.29 7.21 -0.35
C VAL A 67 30.76 7.59 -0.23
N ALA A 68 31.63 6.57 -0.17
CA ALA A 68 33.06 6.79 0.06
C ALA A 68 33.86 7.11 -1.21
N THR A 69 33.39 8.10 -1.97
CA THR A 69 34.18 8.71 -3.05
C THR A 69 35.28 9.56 -2.40
N PRO A 70 36.39 9.87 -3.13
CA PRO A 70 37.41 10.83 -2.69
C PRO A 70 36.82 11.96 -1.84
N ASN A 71 35.82 12.64 -2.39
CA ASN A 71 35.05 13.62 -1.66
C ASN A 71 33.68 13.00 -1.38
N PRO A 72 33.50 12.43 -0.18
CA PRO A 72 32.31 11.62 0.12
C PRO A 72 31.00 12.39 -0.02
N VAL A 73 29.97 11.68 -0.47
CA VAL A 73 28.64 12.28 -0.68
C VAL A 73 27.63 11.62 0.24
N GLU A 74 26.87 12.42 0.96
CA GLU A 74 25.81 11.91 1.84
C GLU A 74 24.45 11.97 1.15
N LEU A 75 23.87 10.80 0.91
CA LEU A 75 22.59 10.68 0.23
C LEU A 75 21.42 10.53 1.22
N GLY A 76 20.34 11.27 0.96
CA GLY A 76 19.19 11.28 1.87
C GLY A 76 17.96 10.55 1.38
N PRO A 77 16.86 10.64 2.15
CA PRO A 77 15.60 9.99 1.79
C PRO A 77 15.19 10.27 0.34
N GLY A 78 14.80 9.24 -0.38
CA GLY A 78 14.43 9.37 -1.78
C GLY A 78 15.57 9.08 -2.74
N ALA A 79 16.81 9.17 -2.27
CA ALA A 79 17.96 8.89 -3.12
C ALA A 79 18.12 7.40 -3.36
N PHE A 80 18.92 7.06 -4.36
CA PHE A 80 19.22 5.68 -4.66
C PHE A 80 20.72 5.52 -4.92
N PHE A 81 21.22 4.30 -4.70
CA PHE A 81 22.63 3.98 -4.94
C PHE A 81 22.80 2.50 -5.26
N GLY A 82 23.85 2.18 -6.01
CA GLY A 82 24.09 0.82 -6.48
C GLY A 82 23.67 0.65 -7.93
N GLU A 83 23.19 1.75 -8.54
CA GLU A 83 22.71 1.72 -9.92
C GLU A 83 23.82 1.65 -10.96
N MET A 84 25.00 2.19 -10.64
CA MET A 84 26.09 2.25 -11.62
C MET A 84 26.57 0.86 -12.06
N ALA A 85 26.77 -0.03 -11.09
CA ALA A 85 27.20 -1.40 -11.37
C ALA A 85 26.14 -2.17 -12.15
N LEU A 86 24.88 -1.94 -11.82
CA LEU A 86 23.76 -2.59 -12.51
C LEU A 86 23.62 -2.13 -13.95
N ILE A 87 24.04 -0.89 -14.22
CA ILE A 87 23.98 -0.31 -15.57
C ILE A 87 25.18 -0.72 -16.43
N SER A 88 26.38 -0.66 -15.84
CA SER A 88 27.63 -0.91 -16.55
C SER A 88 28.08 -2.37 -16.55
N GLY A 89 27.63 -3.13 -15.55
CA GLY A 89 28.09 -4.51 -15.35
C GLY A 89 29.40 -4.58 -14.59
N GLU A 90 30.00 -3.41 -14.35
CA GLU A 90 31.28 -3.31 -13.65
C GLU A 90 31.11 -3.44 -12.14
N PRO A 91 32.23 -3.65 -11.40
CA PRO A 91 32.10 -3.70 -9.96
C PRO A 91 31.67 -2.37 -9.33
N GLU A 92 31.07 -2.47 -8.14
CA GLU A 92 30.78 -1.34 -7.27
C GLU A 92 31.92 -0.34 -7.27
N SER A 93 31.53 0.95 -7.65
CA SER A 93 32.57 1.97 -7.80
C SER A 93 33.04 2.57 -6.48
N ALA A 94 32.29 2.35 -5.39
CA ALA A 94 32.60 2.91 -4.07
C ALA A 94 31.90 2.15 -2.95
N THR A 95 32.47 2.22 -1.75
CA THR A 95 31.84 1.67 -0.56
C THR A 95 30.74 2.63 -0.12
N VAL A 96 29.58 2.08 0.23
CA VAL A 96 28.49 2.89 0.77
C VAL A 96 28.13 2.38 2.15
N SER A 97 28.10 3.27 3.13
CA SER A 97 27.81 2.90 4.51
C SER A 97 26.69 3.78 5.09
N ALA A 98 26.06 3.30 6.16
CA ALA A 98 25.05 4.09 6.87
C ALA A 98 25.71 5.29 7.53
N ALA A 99 25.23 6.50 7.19
CA ALA A 99 25.73 7.73 7.81
C ALA A 99 25.10 7.90 9.17
N THR A 100 23.80 7.64 9.22
CA THR A 100 23.03 7.57 10.45
C THR A 100 22.36 6.21 10.33
N THR A 101 21.66 5.77 11.37
CA THR A 101 20.86 4.55 11.21
C THR A 101 19.91 4.80 10.04
N VAL A 102 19.89 3.88 9.09
CA VAL A 102 19.19 4.11 7.82
C VAL A 102 18.19 3.00 7.49
N SER A 103 17.02 3.41 7.01
CA SER A 103 16.01 2.47 6.51
C SER A 103 16.13 2.41 5.00
N LEU A 104 16.20 1.19 4.46
CA LEU A 104 16.42 1.01 3.03
C LEU A 104 15.43 0.07 2.38
N LEU A 105 15.35 0.17 1.06
CA LEU A 105 14.60 -0.74 0.22
C LEU A 105 15.55 -1.23 -0.87
N SER A 106 15.76 -2.54 -0.93
CA SER A 106 16.68 -3.11 -1.90
C SER A 106 15.96 -3.74 -3.08
N LEU A 107 16.56 -3.62 -4.26
CA LEU A 107 16.01 -4.17 -5.50
C LEU A 107 17.09 -4.97 -6.24
N HIS A 108 16.80 -6.23 -6.53
CA HIS A 108 17.76 -7.10 -7.21
C HIS A 108 17.83 -6.79 -8.70
N SER A 109 18.98 -7.10 -9.30
CA SER A 109 19.27 -6.80 -10.71
C SER A 109 18.16 -7.22 -11.69
N ALA A 110 17.62 -8.43 -11.53
CA ALA A 110 16.56 -8.92 -12.40
C ALA A 110 15.33 -8.01 -12.34
N ASP A 111 14.98 -7.60 -11.13
CA ASP A 111 13.84 -6.70 -10.91
C ASP A 111 14.15 -5.26 -11.32
N PHE A 112 15.43 -4.88 -11.20
CA PHE A 112 15.89 -3.58 -11.70
C PHE A 112 15.68 -3.50 -13.21
N GLN A 113 16.07 -4.56 -13.91
CA GLN A 113 15.90 -4.63 -15.36
C GLN A 113 14.44 -4.54 -15.76
N MET A 114 13.60 -5.28 -15.04
CA MET A 114 12.16 -5.28 -15.27
C MET A 114 11.58 -3.87 -15.10
N LEU A 115 12.05 -3.15 -14.08
CA LEU A 115 11.62 -1.78 -13.80
C LEU A 115 11.96 -0.83 -14.95
N CYS A 116 13.22 -0.86 -15.38
CA CYS A 116 13.69 -0.04 -16.49
C CYS A 116 12.95 -0.36 -17.78
N SER A 117 12.67 -1.64 -18.01
CA SER A 117 11.88 -2.08 -19.17
C SER A 117 10.44 -1.54 -19.09
N SER A 118 9.88 -1.53 -17.88
CA SER A 118 8.52 -1.05 -17.66
C SER A 118 8.41 0.48 -17.69
N SER A 119 9.49 1.16 -17.31
CA SER A 119 9.47 2.63 -17.22
C SER A 119 10.66 3.31 -17.90
N PRO A 120 10.46 3.75 -19.16
CA PRO A 120 11.45 4.55 -19.88
C PRO A 120 11.93 5.78 -19.13
N GLU A 121 11.01 6.48 -18.48
CA GLU A 121 11.33 7.69 -17.72
C GLU A 121 12.30 7.39 -16.57
N ILE A 122 12.01 6.33 -15.82
CA ILE A 122 12.87 5.91 -14.71
C ILE A 122 14.22 5.38 -15.19
N ALA A 123 14.21 4.63 -16.29
CA ALA A 123 15.45 4.09 -16.89
C ALA A 123 16.44 5.19 -17.23
N GLU A 124 15.95 6.27 -17.83
CA GLU A 124 16.80 7.39 -18.19
C GLU A 124 17.30 8.18 -16.98
N ILE A 125 16.45 8.34 -15.98
CA ILE A 125 16.87 8.96 -14.71
C ILE A 125 18.07 8.23 -14.11
N PHE A 126 17.99 6.89 -14.06
CA PHE A 126 19.12 6.06 -13.62
C PHE A 126 20.37 6.30 -14.48
N ARG A 127 20.18 6.29 -15.80
CA ARG A 127 21.26 6.49 -16.77
C ARG A 127 21.94 7.85 -16.67
N LYS A 128 21.14 8.91 -16.57
CA LYS A 128 21.68 10.27 -16.44
C LYS A 128 22.39 10.44 -15.09
N THR A 129 21.80 9.87 -14.04
CA THR A 129 22.36 9.96 -12.70
C THR A 129 23.70 9.24 -12.63
N ALA A 130 23.77 8.04 -13.18
CA ALA A 130 25.01 7.25 -13.23
C ALA A 130 26.12 8.01 -13.97
N LEU A 131 25.79 8.54 -15.15
CA LEU A 131 26.74 9.33 -15.94
C LEU A 131 27.25 10.53 -15.15
N GLU A 132 26.32 11.24 -14.52
CA GLU A 132 26.60 12.41 -13.68
C GLU A 132 27.55 12.05 -12.53
N ARG A 133 27.38 10.84 -12.00
CA ARG A 133 28.21 10.34 -10.90
C ARG A 133 29.56 9.79 -11.35
N ARG A 134 29.63 9.33 -12.61
CA ARG A 134 30.87 8.82 -13.19
C ARG A 134 31.87 9.95 -13.47
N VAL B 3 -8.32 2.47 -12.47
CA VAL B 3 -8.04 3.19 -11.19
C VAL B 3 -6.87 4.16 -11.34
N ARG B 4 -7.01 5.34 -10.72
CA ARG B 4 -5.96 6.35 -10.73
C ARG B 4 -4.87 5.98 -9.74
N ARG B 5 -3.62 6.34 -10.05
CA ARG B 5 -2.48 6.05 -9.21
C ARG B 5 -2.61 6.65 -7.81
N GLY B 6 -3.07 7.90 -7.75
CA GLY B 6 -3.27 8.61 -6.48
C GLY B 6 -4.22 7.86 -5.55
N ASP B 7 -5.40 7.51 -6.08
CA ASP B 7 -6.41 6.78 -5.32
C ASP B 7 -5.89 5.42 -4.85
N PHE B 8 -5.26 4.68 -5.76
CA PHE B 8 -4.65 3.38 -5.47
C PHE B 8 -3.70 3.45 -4.28
N VAL B 9 -2.71 4.34 -4.37
CA VAL B 9 -1.69 4.49 -3.33
C VAL B 9 -2.29 4.94 -1.99
N ARG B 10 -3.27 5.84 -2.06
CA ARG B 10 -3.96 6.29 -0.85
C ARG B 10 -4.76 5.18 -0.19
N ASN B 11 -5.34 4.30 -1.01
CA ASN B 11 -6.08 3.15 -0.49
C ASN B 11 -5.25 2.22 0.39
N TRP B 12 -3.97 2.03 0.06
CA TRP B 12 -3.09 1.19 0.89
C TRP B 12 -3.00 1.68 2.34
N GLN B 13 -2.88 2.99 2.53
CA GLN B 13 -2.83 3.58 3.87
C GLN B 13 -4.15 3.37 4.64
N LEU B 14 -5.26 3.48 3.90
CA LEU B 14 -6.60 3.37 4.47
C LEU B 14 -6.99 1.94 4.85
N VAL B 15 -6.65 0.97 4.00
CA VAL B 15 -6.98 -0.43 4.29
C VAL B 15 -6.28 -0.99 5.54
N ALA B 16 -5.21 -0.32 5.96
CA ALA B 16 -4.48 -0.69 7.17
C ALA B 16 -5.34 -0.56 8.41
N ALA B 17 -6.36 0.30 8.34
CA ALA B 17 -7.27 0.54 9.45
C ALA B 17 -8.40 -0.49 9.55
N VAL B 18 -8.43 -1.45 8.63
CA VAL B 18 -9.48 -2.48 8.59
C VAL B 18 -8.86 -3.86 8.84
N PRO B 19 -8.82 -4.30 10.11
CA PRO B 19 -8.22 -5.57 10.54
C PRO B 19 -8.69 -6.79 9.74
N LEU B 20 -9.94 -6.76 9.28
CA LEU B 20 -10.51 -7.81 8.46
C LEU B 20 -9.61 -8.17 7.25
N PHE B 21 -9.04 -7.15 6.62
CA PHE B 21 -8.25 -7.34 5.41
C PHE B 21 -6.87 -7.98 5.66
N GLN B 22 -6.53 -8.20 6.92
CA GLN B 22 -5.29 -8.90 7.28
C GLN B 22 -5.36 -10.37 6.88
N LYS B 23 -6.58 -10.85 6.64
CA LYS B 23 -6.83 -12.23 6.21
C LYS B 23 -6.55 -12.45 4.72
N LEU B 24 -6.20 -11.39 4.01
CA LEU B 24 -5.94 -11.46 2.57
C LEU B 24 -4.45 -11.53 2.25
N GLY B 25 -4.09 -12.40 1.32
CA GLY B 25 -2.71 -12.46 0.81
C GLY B 25 -2.47 -11.31 -0.16
N PRO B 26 -1.20 -11.11 -0.59
CA PRO B 26 -0.83 -10.02 -1.49
C PRO B 26 -1.68 -9.92 -2.76
N ALA B 27 -1.87 -11.02 -3.47
CA ALA B 27 -2.59 -11.02 -4.74
C ALA B 27 -4.06 -10.57 -4.59
N VAL B 28 -4.79 -11.19 -3.67
CA VAL B 28 -6.19 -10.81 -3.41
C VAL B 28 -6.28 -9.39 -2.85
N LEU B 29 -5.33 -9.03 -1.98
CA LEU B 29 -5.26 -7.69 -1.41
C LEU B 29 -5.25 -6.61 -2.51
N VAL B 30 -4.41 -6.80 -3.52
CA VAL B 30 -4.31 -5.86 -4.65
C VAL B 30 -5.65 -5.67 -5.37
N GLU B 31 -6.34 -6.77 -5.68
CA GLU B 31 -7.64 -6.70 -6.35
C GLU B 31 -8.66 -5.92 -5.52
N ILE B 32 -8.62 -6.11 -4.21
CA ILE B 32 -9.50 -5.39 -3.29
C ILE B 32 -9.15 -3.91 -3.22
N VAL B 33 -7.86 -3.59 -3.10
CA VAL B 33 -7.40 -2.20 -3.05
C VAL B 33 -7.79 -1.47 -4.35
N ARG B 34 -7.73 -2.19 -5.46
CA ARG B 34 -8.14 -1.67 -6.77
C ARG B 34 -9.63 -1.32 -6.83
N ALA B 35 -10.45 -2.08 -6.11
CA ALA B 35 -11.91 -1.93 -6.17
C ALA B 35 -12.49 -0.94 -5.17
N LEU B 36 -11.79 -0.71 -4.06
CA LEU B 36 -12.27 0.16 -3.00
C LEU B 36 -12.26 1.65 -3.40
N ARG B 37 -13.24 2.39 -2.91
CA ARG B 37 -13.32 3.83 -3.11
C ARG B 37 -13.36 4.55 -1.78
N ALA B 38 -12.49 5.55 -1.62
CA ALA B 38 -12.39 6.32 -0.40
C ALA B 38 -13.37 7.49 -0.41
N ARG B 39 -13.98 7.74 0.75
CA ARG B 39 -14.96 8.80 0.89
C ARG B 39 -14.93 9.35 2.32
N THR B 40 -15.04 10.67 2.44
CA THR B 40 -15.21 11.30 3.75
C THR B 40 -16.61 11.89 3.82
N VAL B 41 -17.31 11.60 4.91
CA VAL B 41 -18.69 12.05 5.12
C VAL B 41 -18.74 12.95 6.36
N PRO B 42 -19.32 14.16 6.22
CA PRO B 42 -19.36 15.08 7.37
C PRO B 42 -20.31 14.57 8.45
N ALA B 43 -20.07 15.00 9.69
CA ALA B 43 -20.85 14.57 10.86
C ALA B 43 -22.34 14.78 10.66
N GLY B 44 -23.12 13.73 10.92
CA GLY B 44 -24.58 13.78 10.80
C GLY B 44 -25.14 13.41 9.43
N ALA B 45 -24.29 13.35 8.42
CA ALA B 45 -24.75 13.13 7.05
C ALA B 45 -25.08 11.67 6.72
N VAL B 46 -26.13 11.50 5.92
CA VAL B 46 -26.63 10.20 5.50
C VAL B 46 -25.63 9.45 4.62
N ILE B 47 -25.47 8.15 4.88
CA ILE B 47 -24.61 7.28 4.07
C ILE B 47 -25.49 6.20 3.41
N CYS B 48 -26.24 5.46 4.23
CA CYS B 48 -27.22 4.45 3.80
C CYS B 48 -28.61 4.89 4.20
N ARG B 49 -29.61 4.58 3.38
CA ARG B 49 -31.01 4.89 3.70
C ARG B 49 -31.84 3.62 3.81
N ILE B 50 -32.60 3.51 4.90
CA ILE B 50 -33.49 2.36 5.13
C ILE B 50 -34.46 2.16 3.96
N GLY B 51 -34.66 0.91 3.55
CA GLY B 51 -35.61 0.58 2.48
C GLY B 51 -35.03 0.68 1.08
N GLU B 52 -33.87 1.34 0.99
CA GLU B 52 -33.16 1.54 -0.28
C GLU B 52 -32.48 0.25 -0.70
N PRO B 53 -32.38 0.00 -2.02
CA PRO B 53 -31.68 -1.22 -2.46
C PRO B 53 -30.17 -1.10 -2.21
N GLY B 54 -29.57 -2.18 -1.72
CA GLY B 54 -28.14 -2.20 -1.43
C GLY B 54 -27.35 -2.57 -2.68
N ASP B 55 -26.43 -1.68 -3.07
CA ASP B 55 -25.55 -1.96 -4.21
C ASP B 55 -24.07 -1.82 -3.85
N ARG B 56 -23.80 -1.65 -2.55
CA ARG B 56 -22.44 -1.51 -2.03
C ARG B 56 -22.41 -1.61 -0.50
N MET B 57 -21.22 -1.85 0.03
CA MET B 57 -21.04 -1.87 1.48
C MET B 57 -19.85 -1.00 1.87
N PHE B 58 -19.72 -0.72 3.17
CA PHE B 58 -18.72 0.23 3.63
C PHE B 58 -17.87 -0.33 4.76
N PHE B 59 -16.64 0.17 4.85
CA PHE B 59 -15.73 -0.15 5.94
C PHE B 59 -15.31 1.18 6.56
N VAL B 60 -15.31 1.22 7.89
CA VAL B 60 -14.96 2.44 8.60
C VAL B 60 -13.45 2.51 8.79
N VAL B 61 -12.85 3.60 8.33
CA VAL B 61 -11.40 3.80 8.45
C VAL B 61 -11.07 4.65 9.68
N GLU B 62 -11.81 5.73 9.84
CA GLU B 62 -11.56 6.70 10.90
C GLU B 62 -12.86 7.40 11.21
N GLY B 63 -13.10 7.67 12.48
CA GLY B 63 -14.36 8.26 12.91
C GLY B 63 -15.36 7.16 13.18
N SER B 64 -16.65 7.49 13.12
CA SER B 64 -17.68 6.51 13.44
C SER B 64 -19.01 6.83 12.77
N VAL B 65 -19.84 5.80 12.63
CA VAL B 65 -21.16 5.96 12.04
C VAL B 65 -22.26 5.55 13.03
N SER B 66 -23.46 6.07 12.81
CA SER B 66 -24.60 5.73 13.64
C SER B 66 -25.64 4.96 12.82
N VAL B 67 -25.91 3.73 13.24
CA VAL B 67 -26.93 2.89 12.62
C VAL B 67 -28.27 3.18 13.28
N ALA B 68 -29.24 3.64 12.50
CA ALA B 68 -30.54 4.06 13.03
C ALA B 68 -31.53 2.92 13.30
N THR B 69 -31.10 1.91 14.06
CA THR B 69 -32.03 0.90 14.61
C THR B 69 -32.77 1.53 15.80
N PRO B 70 -33.88 0.88 16.31
CA PRO B 70 -34.59 1.26 17.54
C PRO B 70 -33.67 1.74 18.67
N ASN B 71 -32.63 0.95 18.97
CA ASN B 71 -31.54 1.44 19.80
C ASN B 71 -30.33 1.57 18.90
N PRO B 72 -29.98 2.81 18.52
CA PRO B 72 -28.88 3.09 17.58
C PRO B 72 -27.57 2.45 18.00
N VAL B 73 -26.83 1.95 17.02
CA VAL B 73 -25.51 1.37 17.27
C VAL B 73 -24.45 2.22 16.59
N GLU B 74 -23.45 2.64 17.37
CA GLU B 74 -22.32 3.38 16.83
C GLU B 74 -21.17 2.45 16.46
N LEU B 75 -20.82 2.42 15.18
CA LEU B 75 -19.75 1.58 14.69
C LEU B 75 -18.45 2.36 14.51
N GLY B 76 -17.34 1.77 14.94
CA GLY B 76 -16.05 2.45 14.89
C GLY B 76 -15.10 1.93 13.82
N PRO B 77 -13.86 2.44 13.80
CA PRO B 77 -12.84 2.03 12.83
C PRO B 77 -12.68 0.51 12.76
N GLY B 78 -12.65 0.00 11.53
CA GLY B 78 -12.53 -1.43 11.29
C GLY B 78 -13.87 -2.12 11.11
N ALA B 79 -14.94 -1.47 11.53
CA ALA B 79 -16.29 -2.01 11.38
C ALA B 79 -16.76 -1.93 9.93
N PHE B 80 -17.78 -2.72 9.61
CA PHE B 80 -18.39 -2.72 8.28
C PHE B 80 -19.91 -2.64 8.38
N PHE B 81 -20.53 -2.11 7.33
CA PHE B 81 -21.98 -2.01 7.25
C PHE B 81 -22.47 -2.01 5.80
N GLY B 82 -23.70 -2.49 5.60
CA GLY B 82 -24.27 -2.65 4.26
C GLY B 82 -24.16 -4.07 3.75
N GLU B 83 -23.61 -4.96 4.59
CA GLU B 83 -23.43 -6.36 4.23
C GLU B 83 -24.74 -7.13 4.17
N MET B 84 -25.70 -6.75 5.02
CA MET B 84 -26.97 -7.47 5.13
C MET B 84 -27.78 -7.50 3.84
N ALA B 85 -27.91 -6.35 3.18
CA ALA B 85 -28.63 -6.27 1.91
C ALA B 85 -27.92 -7.06 0.80
N LEU B 86 -26.59 -7.03 0.82
CA LEU B 86 -25.80 -7.75 -0.18
C LEU B 86 -25.90 -9.26 -0.05
N ILE B 87 -26.06 -9.75 1.19
CA ILE B 87 -26.19 -11.19 1.44
C ILE B 87 -27.62 -11.69 1.16
N SER B 88 -28.61 -11.02 1.74
CA SER B 88 -30.00 -11.47 1.67
C SER B 88 -30.73 -11.05 0.39
N GLY B 89 -30.27 -9.95 -0.20
CA GLY B 89 -30.95 -9.36 -1.36
C GLY B 89 -32.12 -8.48 -0.94
N GLU B 90 -32.33 -8.35 0.37
CA GLU B 90 -33.39 -7.50 0.91
C GLU B 90 -32.98 -6.03 0.88
N PRO B 91 -33.94 -5.10 1.00
CA PRO B 91 -33.55 -3.69 1.07
C PRO B 91 -32.73 -3.38 2.31
N GLU B 92 -32.08 -2.21 2.32
CA GLU B 92 -31.29 -1.76 3.46
C GLU B 92 -32.16 -1.84 4.71
N SER B 93 -31.64 -2.46 5.76
CA SER B 93 -32.42 -2.66 6.99
C SER B 93 -32.51 -1.42 7.87
N ALA B 94 -31.59 -0.48 7.67
CA ALA B 94 -31.52 0.72 8.50
C ALA B 94 -30.76 1.86 7.80
N THR B 95 -31.08 3.09 8.20
CA THR B 95 -30.32 4.25 7.75
C THR B 95 -29.04 4.30 8.56
N VAL B 96 -27.94 4.59 7.89
CA VAL B 96 -26.65 4.74 8.54
C VAL B 96 -26.11 6.12 8.20
N SER B 97 -25.73 6.88 9.22
CA SER B 97 -25.22 8.25 9.06
C SER B 97 -23.88 8.40 9.78
N ALA B 98 -23.11 9.40 9.36
CA ALA B 98 -21.86 9.73 10.02
C ALA B 98 -22.15 10.25 11.43
N ALA B 99 -21.55 9.61 12.44
CA ALA B 99 -21.73 10.04 13.84
C ALA B 99 -20.81 11.23 14.09
N THR B 100 -19.54 11.04 13.74
CA THR B 100 -18.57 12.12 13.68
C THR B 100 -18.21 12.19 12.20
N THR B 101 -17.39 13.15 11.80
CA THR B 101 -16.83 13.14 10.46
C THR B 101 -16.12 11.79 10.31
N VAL B 102 -16.42 11.08 9.22
CA VAL B 102 -15.94 9.71 9.06
C VAL B 102 -15.26 9.48 7.72
N SER B 103 -14.18 8.72 7.75
CA SER B 103 -13.46 8.28 6.57
C SER B 103 -13.89 6.85 6.27
N LEU B 104 -14.31 6.60 5.04
CA LEU B 104 -14.84 5.30 4.64
C LEU B 104 -14.18 4.72 3.41
N LEU B 105 -14.35 3.40 3.26
CA LEU B 105 -13.99 2.70 2.04
C LEU B 105 -15.22 1.94 1.59
N SER B 106 -15.62 2.14 0.33
CA SER B 106 -16.80 1.48 -0.18
C SER B 106 -16.46 0.44 -1.24
N LEU B 107 -17.26 -0.61 -1.28
CA LEU B 107 -17.05 -1.73 -2.19
C LEU B 107 -18.38 -2.03 -2.88
N HIS B 108 -18.37 -2.01 -4.21
CA HIS B 108 -19.58 -2.30 -5.00
C HIS B 108 -19.96 -3.77 -4.87
N SER B 109 -21.24 -4.07 -5.10
CA SER B 109 -21.76 -5.43 -4.96
C SER B 109 -21.01 -6.48 -5.76
N ALA B 110 -20.57 -6.12 -6.96
CA ALA B 110 -19.81 -7.04 -7.82
C ALA B 110 -18.48 -7.41 -7.17
N ASP B 111 -17.83 -6.42 -6.55
CA ASP B 111 -16.55 -6.64 -5.88
C ASP B 111 -16.71 -7.29 -4.52
N PHE B 112 -17.89 -7.13 -3.91
CA PHE B 112 -18.26 -7.85 -2.69
C PHE B 112 -18.29 -9.36 -2.95
N GLN B 113 -18.89 -9.73 -4.07
CA GLN B 113 -18.93 -11.13 -4.50
C GLN B 113 -17.51 -11.69 -4.67
N MET B 114 -16.66 -10.91 -5.34
CA MET B 114 -15.25 -11.28 -5.53
C MET B 114 -14.52 -11.45 -4.21
N LEU B 115 -14.73 -10.52 -3.27
CA LEU B 115 -14.13 -10.60 -1.94
C LEU B 115 -14.53 -11.88 -1.19
N CYS B 116 -15.83 -12.17 -1.16
CA CYS B 116 -16.36 -13.37 -0.49
C CYS B 116 -15.83 -14.67 -1.07
N SER B 117 -15.68 -14.72 -2.40
CA SER B 117 -15.13 -15.88 -3.08
C SER B 117 -13.62 -16.04 -2.84
N SER B 118 -12.91 -14.91 -2.91
CA SER B 118 -11.46 -14.90 -2.65
C SER B 118 -11.12 -15.24 -1.21
N SER B 119 -12.02 -14.87 -0.29
CA SER B 119 -11.82 -15.11 1.13
C SER B 119 -13.10 -15.64 1.80
N PRO B 120 -13.34 -16.96 1.72
CA PRO B 120 -14.45 -17.60 2.43
C PRO B 120 -14.45 -17.36 3.95
N GLU B 121 -13.28 -17.14 4.54
CA GLU B 121 -13.19 -16.70 5.95
C GLU B 121 -13.96 -15.40 6.16
N ILE B 122 -13.59 -14.38 5.38
CA ILE B 122 -14.28 -13.08 5.43
C ILE B 122 -15.77 -13.21 5.11
N ALA B 123 -16.11 -14.00 4.10
CA ALA B 123 -17.51 -14.28 3.75
C ALA B 123 -18.31 -14.77 4.94
N GLU B 124 -17.72 -15.67 5.73
CA GLU B 124 -18.35 -16.20 6.95
C GLU B 124 -18.56 -15.13 8.02
N ILE B 125 -17.56 -14.26 8.20
CA ILE B 125 -17.67 -13.14 9.15
C ILE B 125 -18.88 -12.29 8.78
N PHE B 126 -19.00 -11.93 7.50
CA PHE B 126 -20.14 -11.17 6.99
C PHE B 126 -21.46 -11.86 7.29
N ARG B 127 -21.53 -13.16 6.97
CA ARG B 127 -22.75 -13.95 7.14
C ARG B 127 -23.18 -14.05 8.61
N LYS B 128 -22.24 -14.42 9.48
CA LYS B 128 -22.52 -14.54 10.91
C LYS B 128 -22.89 -13.19 11.53
N THR B 129 -22.15 -12.15 11.17
CA THR B 129 -22.43 -10.79 11.65
C THR B 129 -23.80 -10.31 11.19
N ALA B 130 -24.15 -10.61 9.94
CA ALA B 130 -25.46 -10.28 9.39
C ALA B 130 -26.57 -10.93 10.20
N LEU B 131 -26.41 -12.23 10.49
CA LEU B 131 -27.37 -12.98 11.31
C LEU B 131 -27.49 -12.39 12.71
N GLU B 132 -26.34 -12.06 13.31
CA GLU B 132 -26.27 -11.45 14.63
C GLU B 132 -27.06 -10.13 14.66
N ARG B 133 -26.86 -9.30 13.63
CA ARG B 133 -27.53 -8.01 13.53
C ARG B 133 -29.01 -8.15 13.18
N ARG B 134 -29.35 -9.21 12.45
CA ARG B 134 -30.72 -9.50 12.08
C ARG B 134 -31.54 -9.88 13.32
N GLY B 135 -31.04 -10.86 14.07
CA GLY B 135 -31.67 -11.30 15.31
C GLY B 135 -31.51 -10.27 16.42
P CMP C . 27.69 1.38 -7.75
O1P CMP C . 28.96 1.69 -8.51
O2P CMP C . 26.95 0.21 -8.34
O5' CMP C . 28.07 1.13 -6.21
C5' CMP C . 28.56 2.24 -5.41
C4' CMP C . 27.51 3.36 -5.49
O4' CMP C . 27.87 4.60 -4.86
C3' CMP C . 27.30 3.76 -6.94
O3' CMP C . 26.74 2.67 -7.69
C2' CMP C . 26.51 5.04 -6.83
O2' CMP C . 25.16 4.76 -6.48
C1' CMP C . 27.21 5.67 -5.59
N9 CMP C . 28.17 6.69 -6.14
C8 CMP C . 29.32 6.44 -6.82
N7 CMP C . 29.92 7.60 -7.20
C5 CMP C . 29.15 8.61 -6.76
C6 CMP C . 29.18 10.09 -6.81
N6 CMP C . 30.20 10.75 -7.43
N1 CMP C . 28.16 10.77 -6.24
C2 CMP C . 27.14 10.15 -5.61
N3 CMP C . 27.02 8.83 -5.52
C4 CMP C . 27.98 8.01 -6.07
P CMP D . -27.91 -3.28 5.39
O1P CMP D . -29.24 -3.85 5.82
O2P CMP D . -27.56 -3.70 3.99
O5' CMP D . -27.96 -1.68 5.54
C5' CMP D . -28.02 -1.06 6.85
C4' CMP D . -26.83 -1.62 7.63
O4' CMP D . -26.80 -1.22 9.01
C3' CMP D . -26.91 -3.13 7.71
O3' CMP D . -26.74 -3.70 6.41
C2' CMP D . -25.94 -3.48 8.81
O2' CMP D . -24.59 -3.35 8.32
C1' CMP D . -26.22 -2.30 9.78
N9 CMP D . -27.11 -2.84 10.86
C8 CMP D . -28.40 -3.25 10.75
N7 CMP D . -28.90 -3.69 11.92
C5 CMP D . -27.91 -3.58 12.84
C6 CMP D . -27.74 -3.86 14.28
N6 CMP D . -28.75 -4.37 15.03
N1 CMP D . -26.54 -3.58 14.84
C2 CMP D . -25.50 -3.07 14.14
N3 CMP D . -25.57 -2.78 12.82
C4 CMP D . -26.73 -3.01 12.14
#